data_5OLS
#
_entry.id   5OLS
#
_cell.length_a   45.420
_cell.length_b   76.600
_cell.length_c   122.760
_cell.angle_alpha   90.00
_cell.angle_beta   90.00
_cell.angle_gamma   90.00
#
_symmetry.space_group_name_H-M   'P 21 21 21'
#
loop_
_entity.id
_entity.type
_entity.pdbx_description
1 polymer 'Rhamnogalacturonan lyase'
2 branched 'alpha-L-rhamnopyranose-(1-4)-alpha-D-galactopyranuronic acid-(1-2)-alpha-L-rhamnopyranose'
3 branched '4-deoxy-beta-L-threo-hex-4-enopyranuronic acid-(1-2)-alpha-L-rhamnopyranose-(1-4)-beta-D-galactopyranuronic acid'
4 non-polymer 'CALCIUM ION'
5 water water
#
_entity_poly.entity_id   1
_entity_poly.type   'polypeptide(L)'
_entity_poly.pdbx_seq_one_letter_code
;MGKTYYMDPEGSDSNPGTSDKPFATLVKVQEVVVAGDVVYINPGTYVVPANQVPMTTTNSGLYHCVFHMNKSGEAGKPIS
YLANPNKQGRPIFDLSQVKPKDQRITVFYVTGSNLYLKGFDVIGTQVTITGHTQSECFRIVKGANNNKFEDLRTHDGMAI
GFYLLGGSNNHILNCDAYNNYDSVSEGGKGGNVDGFGGHINSSSVGEGKGTGNVFEGCRAWYNSDDGFDLINCFEAVKII
NCWSFLNGYKPGTKEVAGDGTGFKAGGYGMAADKLPAIPSVIPQHEVRNSLAYYNRLRGFYANHHLGGIIFESNTAVNSG
ENYNMTNRESPLALPPTDVNGYDHMVKNNLSLVTRSGSKHIVMVNRAKSEVSNNSFDGSEEVIETDFISLEEAELMRDRK
PNGDLPDVNFGKLTTDAELRFWGMGCFATGEPTDLDFGWLKKPTIVVVGSKASVVGPEAASFTKMYVIVDGEETTEFDKN
SIDLSDFSGVLEVKAVIEDANGNITKSIALKFKRLEHHHHHH
;
_entity_poly.pdbx_strand_id   A
#
# COMPACT_ATOMS: atom_id res chain seq x y z
N LYS A 3 -7.78 31.68 -5.56
CA LYS A 3 -7.52 30.52 -4.63
C LYS A 3 -7.58 29.15 -5.30
N THR A 4 -8.20 29.03 -6.47
CA THR A 4 -8.16 27.79 -7.25
C THR A 4 -7.17 27.93 -8.41
N TYR A 5 -6.02 27.24 -8.29
CA TYR A 5 -4.98 27.23 -9.34
C TYR A 5 -5.23 26.09 -10.32
N TYR A 6 -4.65 26.22 -11.51
CA TYR A 6 -4.79 25.23 -12.57
C TYR A 6 -3.40 24.89 -13.15
N MET A 7 -3.26 23.65 -13.64
CA MET A 7 -2.06 23.25 -14.39
C MET A 7 -2.40 22.28 -15.51
N ASP A 8 -1.52 22.21 -16.50
CA ASP A 8 -1.83 21.62 -17.80
C ASP A 8 -0.56 21.16 -18.50
N PRO A 9 -0.60 19.99 -19.20
CA PRO A 9 0.59 19.55 -19.94
C PRO A 9 1.03 20.45 -21.11
N GLU A 10 0.08 21.21 -21.69
CA GLU A 10 0.39 22.30 -22.65
C GLU A 10 0.22 23.65 -21.92
N GLY A 11 0.89 23.78 -20.76
CA GLY A 11 0.81 24.98 -19.91
C GLY A 11 2.17 25.61 -19.68
N SER A 12 2.19 26.76 -19.01
CA SER A 12 3.43 27.52 -18.76
C SER A 12 3.52 27.98 -17.30
N ASP A 13 4.69 27.82 -16.68
CA ASP A 13 4.94 28.31 -15.32
C ASP A 13 5.16 29.83 -15.25
N SER A 14 5.36 30.48 -16.40
CA SER A 14 5.32 31.94 -16.48
C SER A 14 3.90 32.49 -16.42
N ASN A 15 2.89 31.65 -16.67
CA ASN A 15 1.48 32.07 -16.55
C ASN A 15 1.10 32.29 -15.09
N PRO A 16 -0.01 33.03 -14.84
CA PRO A 16 -0.46 33.21 -13.45
C PRO A 16 -1.07 31.97 -12.81
N GLY A 17 -1.46 30.97 -13.61
CA GLY A 17 -2.05 29.72 -13.11
C GLY A 17 -3.55 29.80 -13.00
N THR A 18 -4.20 30.41 -13.98
CA THR A 18 -5.67 30.56 -14.02
C THR A 18 -6.23 29.49 -14.98
N SER A 19 -7.55 29.51 -15.15
CA SER A 19 -8.22 28.59 -16.07
C SER A 19 -7.77 28.85 -17.52
N ASP A 20 -7.87 30.10 -17.95
CA ASP A 20 -7.49 30.48 -19.32
C ASP A 20 -5.99 30.31 -19.59
N LYS A 21 -5.16 30.53 -18.57
CA LYS A 21 -3.70 30.46 -18.69
C LYS A 21 -3.10 29.78 -17.45
N PRO A 22 -2.94 28.44 -17.48
CA PRO A 22 -2.55 27.65 -16.31
C PRO A 22 -1.04 27.40 -16.15
N PHE A 23 -0.67 26.86 -15.00
CA PHE A 23 0.72 26.42 -14.71
C PHE A 23 1.11 25.18 -15.53
N ALA A 24 2.35 24.72 -15.34
CA ALA A 24 2.86 23.50 -16.00
C ALA A 24 3.49 22.44 -15.09
N THR A 25 3.95 22.84 -13.89
CA THR A 25 4.62 21.92 -12.97
C THR A 25 4.15 22.17 -11.54
N LEU A 26 4.17 21.13 -10.72
CA LEU A 26 3.92 21.26 -9.29
C LEU A 26 4.98 22.05 -8.54
N VAL A 27 6.18 22.22 -9.10
CA VAL A 27 7.25 23.00 -8.46
C VAL A 27 6.83 24.46 -8.32
N LYS A 28 6.27 25.00 -9.41
CA LYS A 28 5.69 26.35 -9.40
C LYS A 28 4.49 26.43 -8.45
N VAL A 29 3.65 25.38 -8.45
CA VAL A 29 2.50 25.28 -7.56
C VAL A 29 2.93 25.38 -6.10
N GLN A 30 3.97 24.63 -5.74
CA GLN A 30 4.53 24.68 -4.39
C GLN A 30 5.18 26.03 -4.06
N GLU A 31 5.57 26.81 -5.07
CA GLU A 31 6.06 28.18 -4.85
C GLU A 31 4.97 29.18 -4.38
N VAL A 32 3.69 28.92 -4.65
CA VAL A 32 2.59 29.87 -4.33
C VAL A 32 1.58 29.47 -3.24
N VAL A 33 1.18 28.20 -3.20
CA VAL A 33 0.01 27.75 -2.38
C VAL A 33 0.11 28.02 -0.86
N VAL A 34 -1.06 28.15 -0.24
CA VAL A 34 -1.20 28.30 1.21
C VAL A 34 -2.48 27.58 1.66
N ALA A 35 -2.68 27.49 2.96
CA ALA A 35 -3.86 26.82 3.54
C ALA A 35 -5.19 27.32 2.97
N GLY A 36 -5.99 26.38 2.44
CA GLY A 36 -7.32 26.65 1.88
C GLY A 36 -7.43 26.58 0.37
N ASP A 37 -6.30 26.75 -0.31
CA ASP A 37 -6.27 26.79 -1.77
C ASP A 37 -6.43 25.41 -2.38
N VAL A 38 -6.89 25.42 -3.62
CA VAL A 38 -7.14 24.24 -4.41
C VAL A 38 -6.22 24.31 -5.62
N VAL A 39 -5.85 23.15 -6.16
CA VAL A 39 -5.09 23.07 -7.41
C VAL A 39 -5.76 22.06 -8.33
N TYR A 40 -6.39 22.54 -9.40
CA TYR A 40 -6.99 21.64 -10.37
C TYR A 40 -5.98 21.25 -11.44
N ILE A 41 -5.59 19.97 -11.40
CA ILE A 41 -4.59 19.42 -12.30
C ILE A 41 -5.37 18.88 -13.49
N ASN A 42 -5.21 19.49 -14.66
CA ASN A 42 -5.93 19.07 -15.87
C ASN A 42 -5.41 17.72 -16.37
N PRO A 43 -6.32 16.89 -16.94
CA PRO A 43 -5.98 15.52 -17.32
C PRO A 43 -5.08 15.42 -18.55
N GLY A 44 -4.25 14.39 -18.57
CA GLY A 44 -3.25 14.18 -19.63
C GLY A 44 -1.91 13.73 -19.06
N THR A 45 -0.95 13.50 -19.95
CA THR A 45 0.39 13.05 -19.55
C THR A 45 1.32 14.23 -19.30
N TYR A 46 1.81 14.35 -18.08
CA TYR A 46 2.89 15.26 -17.73
C TYR A 46 4.18 14.44 -17.67
N VAL A 47 5.10 14.67 -18.59
CA VAL A 47 6.40 14.00 -18.56
C VAL A 47 7.37 14.90 -17.79
N VAL A 48 7.84 14.44 -16.65
CA VAL A 48 8.83 15.18 -15.87
C VAL A 48 10.18 15.10 -16.61
N PRO A 49 10.77 16.27 -16.97
CA PRO A 49 12.06 16.31 -17.69
C PRO A 49 13.18 15.53 -17.00
N ALA A 50 14.06 14.95 -17.81
CA ALA A 50 15.21 14.20 -17.30
C ALA A 50 16.11 15.07 -16.42
N ASN A 51 16.29 16.32 -16.84
CA ASN A 51 17.15 17.27 -16.11
C ASN A 51 16.38 18.21 -15.16
N GLN A 52 15.18 17.84 -14.69
CA GLN A 52 14.45 18.67 -13.72
C GLN A 52 15.15 18.50 -12.37
N VAL A 53 15.71 19.60 -11.86
CA VAL A 53 16.35 19.62 -10.54
C VAL A 53 15.35 19.15 -9.49
N PRO A 54 15.84 18.38 -8.50
CA PRO A 54 14.92 17.95 -7.45
C PRO A 54 14.50 19.12 -6.58
N MET A 55 13.37 18.98 -5.89
CA MET A 55 12.94 20.01 -4.94
C MET A 55 13.80 19.92 -3.67
N THR A 56 14.02 18.71 -3.18
CA THR A 56 14.96 18.46 -2.07
C THR A 56 15.71 17.13 -2.25
N THR A 57 16.53 16.79 -1.27
CA THR A 57 17.08 15.45 -1.10
C THR A 57 16.98 15.07 0.38
N THR A 58 17.11 13.78 0.65
CA THR A 58 17.13 13.27 2.01
C THR A 58 18.26 12.26 2.14
N ASN A 59 18.51 11.83 3.38
CA ASN A 59 19.55 10.84 3.70
C ASN A 59 20.89 11.15 3.01
N SER A 60 21.37 12.38 3.19
CA SER A 60 22.68 12.81 2.68
C SER A 60 22.82 12.64 1.15
N GLY A 61 21.82 13.09 0.41
CA GLY A 61 21.79 12.91 -1.03
C GLY A 61 21.54 11.49 -1.55
N LEU A 62 21.02 10.60 -0.70
CA LEU A 62 20.66 9.25 -1.18
C LEU A 62 19.46 9.32 -2.14
N TYR A 63 18.59 10.32 -1.95
CA TYR A 63 17.32 10.46 -2.68
C TYR A 63 17.20 11.73 -3.52
N HIS A 64 16.77 11.57 -4.76
CA HIS A 64 16.26 12.66 -5.60
C HIS A 64 14.76 12.74 -5.29
N CYS A 65 14.33 13.85 -4.70
CA CYS A 65 12.91 14.07 -4.39
C CYS A 65 12.31 15.01 -5.43
N VAL A 66 11.45 14.46 -6.31
CA VAL A 66 10.91 15.18 -7.47
C VAL A 66 10.00 16.33 -7.03
N PHE A 67 9.10 16.02 -6.08
CA PHE A 67 8.19 17.00 -5.49
C PHE A 67 8.26 16.95 -3.97
N HIS A 68 8.65 18.06 -3.34
CA HIS A 68 8.67 18.16 -1.88
C HIS A 68 7.33 18.74 -1.48
N MET A 69 6.41 17.88 -1.05
CA MET A 69 5.09 18.30 -0.57
C MET A 69 5.25 18.82 0.85
N ASN A 70 5.84 20.01 0.97
CA ASN A 70 6.39 20.48 2.23
C ASN A 70 5.46 21.42 3.00
N LYS A 71 4.75 22.27 2.27
CA LYS A 71 3.78 23.18 2.86
C LYS A 71 2.57 22.45 3.42
N SER A 72 1.86 23.14 4.29
CA SER A 72 0.76 22.58 5.05
C SER A 72 -0.53 23.39 4.91
N GLY A 73 -1.67 22.71 5.01
CA GLY A 73 -2.94 23.36 5.27
C GLY A 73 -3.12 23.49 6.78
N GLU A 74 -4.36 23.84 7.16
CA GLU A 74 -4.74 24.00 8.56
C GLU A 74 -5.92 23.09 8.83
N ALA A 75 -6.30 22.96 10.10
CA ALA A 75 -7.40 22.07 10.47
C ALA A 75 -8.72 22.70 10.03
N GLY A 76 -9.37 22.08 9.04
CA GLY A 76 -10.54 22.65 8.37
C GLY A 76 -10.24 23.59 7.22
N LYS A 77 -8.98 23.61 6.77
CA LYS A 77 -8.52 24.46 5.67
C LYS A 77 -7.34 23.76 4.96
N PRO A 78 -7.60 22.67 4.24
CA PRO A 78 -6.53 21.92 3.57
C PRO A 78 -6.05 22.55 2.27
N ILE A 79 -4.83 22.20 1.87
CA ILE A 79 -4.38 22.38 0.49
C ILE A 79 -4.83 21.14 -0.28
N SER A 80 -5.34 21.36 -1.49
CA SER A 80 -5.98 20.28 -2.25
C SER A 80 -5.46 20.21 -3.69
N TYR A 81 -4.75 19.13 -3.99
CA TYR A 81 -4.21 18.90 -5.32
C TYR A 81 -5.08 17.83 -5.96
N LEU A 82 -5.83 18.24 -6.98
CA LEU A 82 -6.97 17.47 -7.47
C LEU A 82 -6.98 17.40 -8.97
N ALA A 83 -7.16 16.19 -9.50
CA ALA A 83 -7.57 16.01 -10.89
C ALA A 83 -8.78 16.90 -11.18
N ASN A 84 -8.71 17.67 -12.25
CA ASN A 84 -9.75 18.62 -12.63
C ASN A 84 -11.09 17.90 -12.88
N PRO A 85 -12.08 18.09 -11.98
CA PRO A 85 -13.33 17.34 -12.07
C PRO A 85 -14.31 17.82 -13.15
N ASN A 86 -13.98 18.89 -13.88
CA ASN A 86 -14.74 19.32 -15.06
C ASN A 86 -14.21 18.76 -16.40
N LYS A 87 -13.27 17.80 -16.35
CA LYS A 87 -12.66 17.23 -17.56
C LYS A 87 -12.46 15.71 -17.45
N GLN A 88 -12.71 15.01 -18.57
CA GLN A 88 -12.64 13.54 -18.59
C GLN A 88 -11.17 13.11 -18.58
N GLY A 89 -10.90 11.95 -18.00
CA GLY A 89 -9.55 11.41 -17.95
C GLY A 89 -8.77 11.94 -16.76
N ARG A 90 -7.53 11.49 -16.65
CA ARG A 90 -6.75 11.59 -15.43
C ARG A 90 -5.37 12.20 -15.66
N PRO A 91 -4.90 13.06 -14.72
CA PRO A 91 -3.51 13.49 -14.82
C PRO A 91 -2.58 12.32 -14.57
N ILE A 92 -1.50 12.27 -15.34
CA ILE A 92 -0.56 11.18 -15.29
C ILE A 92 0.82 11.81 -15.25
N PHE A 93 1.53 11.58 -14.15
CA PHE A 93 2.93 11.99 -14.05
C PHE A 93 3.80 10.84 -14.55
N ASP A 94 4.50 11.04 -15.66
CA ASP A 94 5.47 10.08 -16.18
C ASP A 94 6.86 10.48 -15.74
N LEU A 95 7.59 9.52 -15.17
CA LEU A 95 8.95 9.74 -14.65
C LEU A 95 9.97 8.77 -15.22
N SER A 96 9.69 8.21 -16.39
CA SER A 96 10.62 7.32 -17.07
C SER A 96 11.94 8.05 -17.34
N GLN A 97 11.85 9.34 -17.68
CA GLN A 97 13.03 10.14 -18.01
C GLN A 97 13.91 10.51 -16.82
N VAL A 98 13.39 10.46 -15.59
CA VAL A 98 14.16 10.87 -14.42
C VAL A 98 15.06 9.73 -13.96
N LYS A 99 16.36 9.86 -14.22
CA LYS A 99 17.33 8.79 -13.94
C LYS A 99 18.62 9.37 -13.36
N PRO A 100 18.51 10.11 -12.24
CA PRO A 100 19.70 10.77 -11.68
C PRO A 100 20.80 9.76 -11.28
N LYS A 101 22.05 10.21 -11.32
CA LYS A 101 23.20 9.31 -11.09
C LYS A 101 23.32 8.84 -9.64
N ASP A 102 23.32 7.52 -9.44
CA ASP A 102 23.54 6.88 -8.13
C ASP A 102 22.60 7.37 -7.01
N GLN A 103 21.37 7.73 -7.38
CA GLN A 103 20.38 8.30 -6.45
C GLN A 103 19.04 7.57 -6.52
N ARG A 104 18.47 7.26 -5.36
CA ARG A 104 17.10 6.75 -5.27
C ARG A 104 16.11 7.87 -5.67
N ILE A 105 14.89 7.48 -6.02
CA ILE A 105 13.88 8.45 -6.43
C ILE A 105 12.72 8.37 -5.46
N THR A 106 12.29 9.53 -4.97
CA THR A 106 10.98 9.70 -4.36
C THR A 106 10.27 10.73 -5.25
N VAL A 107 9.05 10.41 -5.69
CA VAL A 107 8.31 11.29 -6.61
C VAL A 107 7.56 12.36 -5.81
N PHE A 108 6.74 11.90 -4.86
CA PHE A 108 6.10 12.75 -3.88
C PHE A 108 6.75 12.45 -2.54
N TYR A 109 7.44 13.43 -1.99
CA TYR A 109 8.03 13.32 -0.66
C TYR A 109 7.23 14.23 0.26
N VAL A 110 6.51 13.64 1.21
CA VAL A 110 5.49 14.34 1.99
C VAL A 110 5.93 14.59 3.43
N THR A 111 6.14 15.87 3.77
CA THR A 111 6.36 16.33 5.15
C THR A 111 5.29 17.29 5.69
N GLY A 112 4.49 17.87 4.80
CA GLY A 112 3.45 18.82 5.19
C GLY A 112 2.21 18.13 5.71
N SER A 113 1.35 18.91 6.36
CA SER A 113 0.14 18.42 7.02
C SER A 113 -1.12 19.07 6.43
N ASN A 114 -2.25 18.38 6.60
CA ASN A 114 -3.54 18.81 6.03
C ASN A 114 -3.45 19.07 4.54
N LEU A 115 -3.12 17.99 3.83
CA LEU A 115 -3.07 17.97 2.39
C LEU A 115 -4.11 16.97 1.87
N TYR A 116 -4.58 17.23 0.67
CA TYR A 116 -5.57 16.39 0.03
C TYR A 116 -5.16 16.19 -1.43
N LEU A 117 -4.82 14.96 -1.79
CA LEU A 117 -4.29 14.62 -3.13
C LEU A 117 -5.19 13.59 -3.78
N LYS A 118 -5.71 13.89 -4.97
CA LYS A 118 -6.78 13.06 -5.56
C LYS A 118 -6.80 12.98 -7.08
N GLY A 119 -7.07 11.76 -7.59
CA GLY A 119 -7.50 11.52 -8.97
C GLY A 119 -6.46 11.37 -10.07
N PHE A 120 -5.19 11.30 -9.72
CA PHE A 120 -4.11 11.23 -10.72
C PHE A 120 -3.22 10.00 -10.56
N ASP A 121 -2.39 9.78 -11.59
CA ASP A 121 -1.52 8.61 -11.72
C ASP A 121 -0.04 9.00 -11.65
N VAL A 122 0.78 8.09 -11.11
CA VAL A 122 2.25 8.17 -11.17
C VAL A 122 2.80 6.91 -11.84
N ILE A 123 3.45 7.07 -12.98
CA ILE A 123 3.98 5.95 -13.75
C ILE A 123 5.45 6.14 -14.10
N GLY A 124 6.14 5.02 -14.33
CA GLY A 124 7.48 5.02 -14.88
C GLY A 124 8.58 5.42 -13.92
N THR A 125 8.31 5.31 -12.62
CA THR A 125 9.29 5.70 -11.63
C THR A 125 10.46 4.73 -11.69
N GLN A 126 11.67 5.28 -11.75
CA GLN A 126 12.85 4.48 -12.05
C GLN A 126 13.63 4.05 -10.83
N VAL A 127 14.45 3.03 -11.05
CA VAL A 127 15.56 2.66 -10.19
C VAL A 127 16.78 2.49 -11.11
N THR A 128 17.87 3.20 -10.82
CA THR A 128 19.14 3.06 -11.56
C THR A 128 20.29 2.43 -10.76
N ILE A 129 20.17 2.41 -9.42
CA ILE A 129 21.16 1.81 -8.52
C ILE A 129 21.16 0.28 -8.67
N THR A 130 22.34 -0.35 -8.53
CA THR A 130 22.54 -1.79 -8.78
C THR A 130 22.37 -2.68 -7.53
N GLY A 131 22.72 -2.16 -6.35
CA GLY A 131 22.61 -2.92 -5.10
C GLY A 131 21.31 -2.65 -4.38
N HIS A 132 21.30 -2.94 -3.07
CA HIS A 132 20.13 -2.76 -2.22
C HIS A 132 19.56 -1.35 -2.35
N THR A 133 18.43 -1.23 -3.03
CA THR A 133 17.81 0.05 -3.28
C THR A 133 16.27 -0.04 -3.42
N GLN A 134 15.68 1.13 -3.55
CA GLN A 134 14.24 1.30 -3.75
C GLN A 134 13.98 2.73 -4.22
N SER A 135 12.88 2.89 -4.94
CA SER A 135 12.32 4.20 -5.22
C SER A 135 10.87 4.18 -4.74
N GLU A 136 10.28 5.35 -4.54
CA GLU A 136 8.91 5.45 -4.05
C GLU A 136 8.17 6.52 -4.81
N CYS A 137 6.88 6.26 -5.04
CA CYS A 137 6.03 7.26 -5.65
C CYS A 137 5.62 8.24 -4.55
N PHE A 138 5.14 7.73 -3.42
CA PHE A 138 4.82 8.54 -2.26
C PHE A 138 5.63 8.01 -1.08
N ARG A 139 6.38 8.88 -0.42
CA ARG A 139 7.02 8.54 0.85
C ARG A 139 6.63 9.58 1.90
N ILE A 140 6.17 9.08 3.05
CA ILE A 140 5.58 9.91 4.11
C ILE A 140 6.36 9.68 5.39
N VAL A 141 6.78 10.76 6.06
CA VAL A 141 7.69 10.68 7.22
C VAL A 141 7.17 11.45 8.43
N LYS A 142 7.85 11.26 9.56
CA LYS A 142 7.60 12.01 10.81
C LYS A 142 7.36 13.49 10.54
N GLY A 143 6.25 14.01 11.06
CA GLY A 143 5.84 15.40 10.84
C GLY A 143 4.68 15.57 9.87
N ALA A 144 4.47 14.60 8.96
CA ALA A 144 3.40 14.67 7.97
C ALA A 144 2.11 14.07 8.54
N ASN A 145 1.24 14.96 9.05
CA ASN A 145 0.03 14.54 9.79
C ASN A 145 -1.25 14.86 9.02
N ASN A 146 -2.34 14.18 9.38
CA ASN A 146 -3.71 14.56 8.96
C ASN A 146 -3.87 14.74 7.44
N ASN A 147 -3.22 13.88 6.65
CA ASN A 147 -3.25 13.99 5.19
C ASN A 147 -4.27 13.02 4.60
N LYS A 148 -4.62 13.25 3.33
CA LYS A 148 -5.49 12.34 2.61
C LYS A 148 -5.02 12.17 1.19
N PHE A 149 -4.93 10.90 0.79
CA PHE A 149 -4.48 10.49 -0.53
C PHE A 149 -5.59 9.60 -1.06
N GLU A 150 -6.21 10.01 -2.15
CA GLU A 150 -7.44 9.38 -2.60
C GLU A 150 -7.47 9.21 -4.11
N ASP A 151 -7.81 8.01 -4.57
CA ASP A 151 -8.02 7.76 -6.01
C ASP A 151 -6.74 8.06 -6.80
N LEU A 152 -5.59 7.82 -6.16
CA LEU A 152 -4.27 7.97 -6.76
C LEU A 152 -3.78 6.60 -7.17
N ARG A 153 -3.26 6.47 -8.39
CA ARG A 153 -2.85 5.19 -8.92
C ARG A 153 -1.36 5.21 -9.19
N THR A 154 -0.60 4.31 -8.55
CA THR A 154 0.86 4.21 -8.73
C THR A 154 1.24 2.90 -9.41
N HIS A 155 1.51 2.97 -10.72
CA HIS A 155 1.63 1.78 -11.57
C HIS A 155 2.63 1.84 -12.72
N ASP A 156 3.00 0.67 -13.23
CA ASP A 156 3.90 0.56 -14.41
C ASP A 156 5.20 1.37 -14.27
N GLY A 157 5.83 1.21 -13.10
CA GLY A 157 7.20 1.66 -12.83
C GLY A 157 7.96 0.63 -11.97
N MET A 158 9.03 1.10 -11.32
CA MET A 158 9.91 0.27 -10.48
C MET A 158 9.84 0.60 -8.99
N ALA A 159 9.06 1.61 -8.64
CA ALA A 159 9.00 2.15 -7.29
C ALA A 159 7.88 1.53 -6.49
N ILE A 160 8.09 1.51 -5.17
CA ILE A 160 7.03 1.28 -4.20
C ILE A 160 5.92 2.31 -4.44
N GLY A 161 4.67 1.88 -4.22
CA GLY A 161 3.52 2.78 -4.38
C GLY A 161 3.49 3.80 -3.26
N PHE A 162 3.18 3.33 -2.07
CA PHE A 162 3.11 4.17 -0.89
C PHE A 162 3.98 3.57 0.18
N TYR A 163 4.84 4.41 0.75
CA TYR A 163 5.86 3.96 1.69
C TYR A 163 5.90 4.91 2.88
N LEU A 164 5.44 4.43 4.03
CA LEU A 164 5.30 5.24 5.22
C LEU A 164 6.40 4.93 6.21
N LEU A 165 7.26 5.92 6.50
CA LEU A 165 8.22 5.86 7.61
C LEU A 165 7.77 6.62 8.88
N GLY A 166 6.78 7.51 8.75
CA GLY A 166 6.23 8.24 9.90
C GLY A 166 5.00 9.05 9.53
N GLY A 167 4.56 9.91 10.46
CA GLY A 167 3.35 10.72 10.27
C GLY A 167 2.11 10.06 10.87
N SER A 168 1.13 10.90 11.21
CA SER A 168 -0.09 10.47 11.92
C SER A 168 -1.38 10.72 11.14
N ASN A 169 -2.38 9.86 11.34
CA ASN A 169 -3.72 10.03 10.77
C ASN A 169 -3.71 10.34 9.26
N ASN A 170 -2.77 9.71 8.54
CA ASN A 170 -2.74 9.78 7.08
C ASN A 170 -3.73 8.74 6.59
N HIS A 171 -4.56 9.09 5.63
CA HIS A 171 -5.63 8.21 5.15
C HIS A 171 -5.36 7.96 3.69
N ILE A 172 -5.08 6.70 3.33
CA ILE A 172 -4.79 6.34 1.96
C ILE A 172 -6.00 5.55 1.44
N LEU A 173 -6.79 6.23 0.62
CA LEU A 173 -8.14 5.80 0.31
C LEU A 173 -8.25 5.54 -1.17
N ASN A 174 -8.82 4.39 -1.53
CA ASN A 174 -9.16 4.08 -2.92
C ASN A 174 -7.99 4.20 -3.91
N CYS A 175 -6.77 3.95 -3.43
CA CYS A 175 -5.59 3.98 -4.30
C CYS A 175 -5.27 2.60 -4.90
N ASP A 176 -4.78 2.57 -6.13
CA ASP A 176 -4.28 1.34 -6.78
C ASP A 176 -2.76 1.39 -6.92
N ALA A 177 -2.11 0.28 -6.59
CA ALA A 177 -0.67 0.13 -6.80
C ALA A 177 -0.41 -1.18 -7.53
N TYR A 178 -0.13 -1.09 -8.82
CA TYR A 178 0.01 -2.30 -9.63
C TYR A 178 1.10 -2.26 -10.71
N ASN A 179 1.45 -3.44 -11.23
CA ASN A 179 2.49 -3.59 -12.27
C ASN A 179 3.76 -2.82 -11.91
N ASN A 180 4.22 -2.99 -10.66
CA ASN A 180 5.43 -2.33 -10.20
C ASN A 180 6.52 -3.40 -9.99
N TYR A 181 7.69 -3.16 -10.55
CA TYR A 181 8.76 -4.16 -10.53
C TYR A 181 10.09 -3.50 -10.83
N ASP A 182 11.04 -3.70 -9.93
CA ASP A 182 12.43 -3.24 -10.10
C ASP A 182 13.17 -4.36 -10.84
N SER A 183 13.28 -4.17 -12.16
CA SER A 183 14.00 -5.09 -13.04
C SER A 183 15.50 -4.80 -13.15
N VAL A 184 15.96 -3.70 -12.54
CA VAL A 184 17.36 -3.26 -12.67
C VAL A 184 18.25 -3.82 -11.56
N SER A 185 17.86 -3.62 -10.31
CA SER A 185 18.76 -3.89 -9.17
C SER A 185 18.76 -5.34 -8.66
N GLU A 186 19.93 -5.81 -8.25
CA GLU A 186 20.10 -7.16 -7.67
C GLU A 186 19.52 -8.28 -8.56
N GLY A 187 19.75 -8.15 -9.87
CA GLY A 187 19.37 -9.16 -10.84
C GLY A 187 17.87 -9.25 -11.10
N GLY A 188 17.14 -8.19 -10.77
CA GLY A 188 15.70 -8.15 -10.98
C GLY A 188 14.91 -9.09 -10.09
N LYS A 189 15.37 -9.28 -8.85
CA LYS A 189 14.56 -9.98 -7.83
C LYS A 189 13.23 -9.27 -7.60
N GLY A 190 13.27 -7.93 -7.54
CA GLY A 190 12.11 -7.13 -7.20
C GLY A 190 11.65 -7.31 -5.76
N GLY A 191 12.57 -7.65 -4.87
CA GLY A 191 12.26 -7.95 -3.48
C GLY A 191 11.93 -6.77 -2.57
N ASN A 192 12.01 -5.55 -3.10
CA ASN A 192 11.78 -4.32 -2.33
C ASN A 192 10.54 -3.54 -2.78
N VAL A 193 9.88 -4.00 -3.85
CA VAL A 193 8.79 -3.26 -4.47
C VAL A 193 7.42 -3.79 -4.00
N ASP A 194 6.90 -3.17 -2.94
CA ASP A 194 5.55 -3.38 -2.44
C ASP A 194 4.54 -2.39 -3.02
N GLY A 195 3.26 -2.76 -2.96
CA GLY A 195 2.19 -1.85 -3.34
C GLY A 195 2.08 -0.76 -2.28
N PHE A 196 1.87 -1.22 -1.05
CA PHE A 196 1.65 -0.36 0.10
C PHE A 196 2.55 -0.86 1.22
N GLY A 197 3.23 0.08 1.89
CA GLY A 197 4.20 -0.23 2.94
C GLY A 197 4.04 0.66 4.15
N GLY A 198 3.67 0.06 5.28
CA GLY A 198 3.57 0.77 6.55
C GLY A 198 4.74 0.40 7.44
N HIS A 199 5.68 1.32 7.63
CA HIS A 199 6.95 1.04 8.33
C HIS A 199 7.34 2.21 9.24
N ILE A 200 6.41 2.57 10.12
CA ILE A 200 6.52 3.73 11.00
C ILE A 200 7.74 3.50 11.89
N ASN A 201 8.80 4.29 11.70
CA ASN A 201 10.11 4.01 12.32
C ASN A 201 10.18 4.49 13.78
N SER A 202 11.28 4.16 14.45
CA SER A 202 11.50 4.52 15.85
C SER A 202 11.36 6.01 16.16
N SER A 203 11.77 6.86 15.21
CA SER A 203 11.72 8.31 15.41
C SER A 203 10.29 8.93 15.45
N SER A 204 9.27 8.19 14.99
CA SER A 204 7.91 8.74 14.81
C SER A 204 6.79 8.17 15.72
N VAL A 205 7.14 7.55 16.84
CA VAL A 205 6.13 7.01 17.79
C VAL A 205 5.42 8.12 18.58
N GLY A 206 4.30 7.75 19.22
CA GLY A 206 3.49 8.67 20.04
C GLY A 206 2.14 9.00 19.40
N GLU A 207 1.12 9.20 20.24
CA GLU A 207 -0.23 9.51 19.74
C GLU A 207 -0.24 10.92 19.16
N GLY A 208 -0.63 11.01 17.88
CA GLY A 208 -0.52 12.25 17.12
C GLY A 208 0.73 12.35 16.26
N LYS A 209 1.69 11.44 16.46
CA LYS A 209 2.96 11.41 15.72
C LYS A 209 3.07 10.26 14.69
N GLY A 210 2.68 9.05 15.09
CA GLY A 210 2.66 7.87 14.21
C GLY A 210 1.39 7.03 14.19
N THR A 211 0.37 7.42 14.97
CA THR A 211 -0.85 6.63 15.11
C THR A 211 -1.89 6.97 14.04
N GLY A 212 -2.88 6.09 13.90
CA GLY A 212 -4.08 6.34 13.10
C GLY A 212 -3.94 6.37 11.59
N ASN A 213 -2.80 5.90 11.08
CA ASN A 213 -2.58 5.77 9.64
C ASN A 213 -3.43 4.60 9.17
N VAL A 214 -4.13 4.75 8.06
CA VAL A 214 -5.08 3.74 7.58
C VAL A 214 -4.96 3.63 6.07
N PHE A 215 -4.86 2.39 5.57
CA PHE A 215 -5.11 2.05 4.16
C PHE A 215 -6.54 1.51 4.03
N GLU A 216 -7.28 2.04 3.06
CA GLU A 216 -8.69 1.71 2.89
C GLU A 216 -9.10 1.73 1.44
N GLY A 217 -9.75 0.66 0.97
CA GLY A 217 -10.33 0.66 -0.36
C GLY A 217 -9.29 0.53 -1.45
N CYS A 218 -8.09 0.11 -1.08
CA CYS A 218 -6.95 0.08 -1.99
C CYS A 218 -6.83 -1.29 -2.62
N ARG A 219 -6.24 -1.34 -3.82
CA ARG A 219 -5.89 -2.59 -4.47
C ARG A 219 -4.39 -2.64 -4.77
N ALA A 220 -3.78 -3.80 -4.57
CA ALA A 220 -2.38 -4.00 -4.80
C ALA A 220 -2.21 -5.27 -5.62
N TRP A 221 -1.76 -5.13 -6.87
CA TRP A 221 -1.59 -6.30 -7.71
C TRP A 221 -0.38 -6.24 -8.64
N TYR A 222 0.20 -7.40 -8.93
CA TYR A 222 1.46 -7.52 -9.70
C TYR A 222 2.52 -6.53 -9.20
N ASN A 223 2.68 -6.49 -7.88
CA ASN A 223 3.82 -5.85 -7.26
C ASN A 223 4.80 -7.01 -7.02
N SER A 224 6.03 -6.87 -7.51
CA SER A 224 7.02 -7.94 -7.47
C SER A 224 7.27 -8.56 -6.09
N ASP A 225 7.14 -7.77 -5.01
CA ASP A 225 7.30 -8.31 -3.66
C ASP A 225 5.93 -8.62 -2.99
N ASP A 226 5.40 -7.68 -2.20
CA ASP A 226 4.14 -7.87 -1.52
C ASP A 226 3.13 -6.85 -2.00
N GLY A 227 1.86 -7.10 -1.71
CA GLY A 227 0.83 -6.08 -1.93
C GLY A 227 0.84 -5.05 -0.81
N PHE A 228 0.80 -5.55 0.42
CA PHE A 228 0.77 -4.75 1.61
C PHE A 228 1.75 -5.36 2.59
N ASP A 229 2.47 -4.51 3.31
CA ASP A 229 3.56 -4.93 4.19
C ASP A 229 3.69 -3.95 5.36
N LEU A 230 3.61 -4.48 6.59
CA LEU A 230 3.73 -3.70 7.83
C LEU A 230 4.90 -4.10 8.70
N ILE A 231 6.01 -4.52 8.08
CA ILE A 231 7.20 -4.89 8.82
C ILE A 231 7.82 -3.61 9.37
N ASN A 232 8.49 -3.75 10.51
CA ASN A 232 9.23 -2.66 11.14
C ASN A 232 8.33 -1.46 11.27
N CYS A 233 7.19 -1.69 11.93
CA CYS A 233 6.13 -0.70 12.05
C CYS A 233 5.82 -0.51 13.53
N PHE A 234 6.15 0.67 14.06
CA PHE A 234 6.19 0.90 15.50
C PHE A 234 4.83 1.32 16.11
N GLU A 235 3.97 1.91 15.29
CA GLU A 235 2.60 2.22 15.68
C GLU A 235 1.67 1.38 14.82
N ALA A 236 0.46 1.15 15.32
CA ALA A 236 -0.50 0.30 14.63
C ALA A 236 -1.04 0.95 13.35
N VAL A 237 -0.89 0.25 12.24
CA VAL A 237 -1.51 0.64 10.97
C VAL A 237 -2.64 -0.35 10.70
N LYS A 238 -3.73 0.14 10.09
CA LYS A 238 -4.92 -0.68 9.81
C LYS A 238 -5.16 -0.76 8.31
N ILE A 239 -5.47 -1.97 7.82
CA ILE A 239 -5.80 -2.21 6.41
C ILE A 239 -7.26 -2.67 6.32
N ILE A 240 -8.11 -1.82 5.77
CA ILE A 240 -9.56 -2.02 5.75
C ILE A 240 -10.05 -2.00 4.29
N ASN A 241 -10.78 -3.04 3.92
CA ASN A 241 -11.53 -3.07 2.67
C ASN A 241 -10.60 -2.96 1.47
N CYS A 242 -9.45 -3.63 1.55
CA CYS A 242 -8.44 -3.63 0.50
C CYS A 242 -8.38 -5.01 -0.18
N TRP A 243 -7.83 -5.08 -1.39
CA TRP A 243 -7.62 -6.36 -2.07
C TRP A 243 -6.16 -6.47 -2.52
N SER A 244 -5.52 -7.60 -2.23
CA SER A 244 -4.13 -7.83 -2.58
C SER A 244 -4.05 -9.15 -3.34
N PHE A 245 -3.52 -9.11 -4.56
CA PHE A 245 -3.60 -10.23 -5.45
C PHE A 245 -2.52 -10.24 -6.53
N LEU A 246 -2.00 -11.44 -6.84
CA LEU A 246 -0.97 -11.63 -7.86
C LEU A 246 0.35 -10.88 -7.58
N ASN A 247 0.72 -10.81 -6.30
CA ASN A 247 1.97 -10.20 -5.88
C ASN A 247 2.99 -11.33 -5.72
N GLY A 248 4.27 -11.01 -5.91
CA GLY A 248 5.33 -12.01 -5.93
C GLY A 248 5.77 -12.43 -7.33
N TYR A 249 5.20 -11.79 -8.34
CA TYR A 249 5.42 -12.12 -9.73
C TYR A 249 5.90 -10.91 -10.51
N LYS A 250 6.61 -11.14 -11.60
CA LYS A 250 6.86 -10.08 -12.58
C LYS A 250 5.52 -9.81 -13.26
N PRO A 251 5.19 -8.54 -13.53
CA PRO A 251 3.87 -8.18 -14.08
C PRO A 251 3.36 -9.03 -15.26
N GLY A 252 2.06 -9.33 -15.23
CA GLY A 252 1.39 -10.09 -16.27
C GLY A 252 1.79 -11.54 -16.47
N THR A 253 2.56 -12.11 -15.53
CA THR A 253 3.08 -13.48 -15.63
C THR A 253 2.95 -14.22 -14.31
N LYS A 254 3.35 -15.49 -14.31
CA LYS A 254 3.54 -16.29 -13.10
C LYS A 254 5.03 -16.64 -12.97
N GLU A 255 5.90 -15.69 -13.32
CA GLU A 255 7.34 -15.78 -13.11
C GLU A 255 7.68 -15.27 -11.71
N VAL A 256 8.54 -16.01 -11.03
CA VAL A 256 8.95 -15.76 -9.64
C VAL A 256 9.74 -14.45 -9.51
N ALA A 257 9.33 -13.61 -8.57
CA ALA A 257 10.10 -12.44 -8.15
C ALA A 257 10.23 -12.47 -6.60
N GLY A 258 9.60 -11.55 -5.86
CA GLY A 258 9.78 -11.46 -4.40
C GLY A 258 8.90 -12.37 -3.56
N ASP A 259 8.54 -11.91 -2.36
CA ASP A 259 7.98 -12.77 -1.31
C ASP A 259 6.54 -13.20 -1.50
N GLY A 260 5.82 -12.43 -2.32
CA GLY A 260 4.48 -12.74 -2.75
C GLY A 260 3.53 -12.98 -1.62
N THR A 261 3.50 -12.03 -0.69
CA THR A 261 2.50 -11.97 0.36
C THR A 261 1.41 -10.99 -0.05
N GLY A 262 0.16 -11.35 0.22
CA GLY A 262 -0.96 -10.43 0.08
C GLY A 262 -0.88 -9.32 1.12
N PHE A 263 -0.88 -9.71 2.39
CA PHE A 263 -0.82 -8.79 3.52
C PHE A 263 0.17 -9.29 4.56
N LYS A 264 1.40 -8.75 4.52
CA LYS A 264 2.42 -9.04 5.52
C LYS A 264 2.18 -8.05 6.65
N ALA A 265 1.45 -8.49 7.66
CA ALA A 265 0.80 -7.57 8.60
C ALA A 265 1.53 -7.43 9.93
N GLY A 266 2.86 -7.41 9.89
CA GLY A 266 3.66 -7.24 11.10
C GLY A 266 5.09 -7.63 10.86
N GLY A 267 5.80 -7.94 11.93
CA GLY A 267 7.14 -8.48 11.86
C GLY A 267 8.21 -7.45 12.12
N TYR A 268 9.32 -7.93 12.67
CA TYR A 268 10.53 -7.13 12.86
C TYR A 268 11.76 -7.89 12.37
N GLY A 269 11.56 -8.81 11.43
CA GLY A 269 12.63 -9.60 10.87
C GLY A 269 13.07 -10.75 11.74
N MET A 270 13.74 -11.69 11.11
CA MET A 270 14.35 -12.82 11.77
C MET A 270 15.86 -12.76 11.49
N ALA A 271 16.45 -11.60 11.75
CA ALA A 271 17.89 -11.41 11.58
C ALA A 271 18.61 -12.33 12.57
N ALA A 272 19.51 -13.14 12.03
CA ALA A 272 20.30 -14.08 12.84
C ALA A 272 21.54 -13.43 13.49
N ASP A 273 21.96 -12.27 13.00
CA ASP A 273 23.20 -11.63 13.46
C ASP A 273 23.00 -10.62 14.57
N LYS A 274 21.78 -10.08 14.71
CA LYS A 274 21.51 -9.00 15.66
C LYS A 274 20.01 -8.88 15.98
N LEU A 275 19.74 -8.29 17.14
CA LEU A 275 18.39 -8.01 17.58
C LEU A 275 17.90 -6.78 16.84
N PRO A 276 16.74 -6.87 16.16
CA PRO A 276 16.19 -5.69 15.49
C PRO A 276 15.60 -4.69 16.49
N ALA A 277 15.65 -3.42 16.16
CA ALA A 277 15.07 -2.37 17.01
C ALA A 277 13.56 -2.51 17.00
N ILE A 278 12.92 -2.34 18.16
CA ILE A 278 11.48 -2.55 18.28
C ILE A 278 10.80 -1.53 19.21
N PRO A 279 9.49 -1.28 19.00
CA PRO A 279 8.76 -0.38 19.89
C PRO A 279 8.52 -1.04 21.25
N SER A 280 8.40 -0.23 22.29
CA SER A 280 8.25 -0.72 23.66
C SER A 280 6.89 -1.41 23.88
N VAL A 281 5.87 -0.92 23.17
CA VAL A 281 4.57 -1.57 23.07
C VAL A 281 4.43 -2.09 21.65
N ILE A 282 4.20 -3.40 21.51
CA ILE A 282 4.07 -4.02 20.20
C ILE A 282 2.67 -3.71 19.67
N PRO A 283 2.59 -2.96 18.56
CA PRO A 283 1.29 -2.52 18.05
C PRO A 283 0.44 -3.63 17.43
N GLN A 284 -0.82 -3.67 17.84
CA GLN A 284 -1.80 -4.56 17.27
C GLN A 284 -2.29 -4.02 15.91
N HIS A 285 -1.63 -4.45 14.85
CA HIS A 285 -2.06 -4.11 13.48
C HIS A 285 -3.39 -4.80 13.19
N GLU A 286 -4.13 -4.31 12.20
CA GLU A 286 -5.42 -4.89 11.82
C GLU A 286 -5.52 -5.05 10.31
N VAL A 287 -5.98 -6.21 9.85
CA VAL A 287 -6.47 -6.37 8.48
C VAL A 287 -7.95 -6.78 8.54
N ARG A 288 -8.80 -6.10 7.76
CA ARG A 288 -10.24 -6.22 7.94
C ARG A 288 -11.00 -6.05 6.64
N ASN A 289 -11.98 -6.93 6.42
CA ASN A 289 -12.89 -6.79 5.27
C ASN A 289 -12.11 -6.75 3.96
N SER A 290 -10.99 -7.48 3.92
CA SER A 290 -10.05 -7.40 2.83
C SER A 290 -9.92 -8.75 2.13
N LEU A 291 -9.50 -8.72 0.88
CA LEU A 291 -9.44 -9.91 0.04
C LEU A 291 -7.99 -10.23 -0.40
N ALA A 292 -7.57 -11.48 -0.22
CA ALA A 292 -6.33 -11.98 -0.81
C ALA A 292 -6.66 -13.04 -1.84
N TYR A 293 -6.04 -12.94 -3.01
CA TYR A 293 -6.21 -13.93 -4.06
C TYR A 293 -4.93 -14.16 -4.86
N TYR A 294 -4.55 -15.43 -5.01
CA TYR A 294 -3.41 -15.84 -5.84
C TYR A 294 -2.19 -14.98 -5.73
N ASN A 295 -1.74 -14.72 -4.51
CA ASN A 295 -0.38 -14.20 -4.30
C ASN A 295 0.56 -15.39 -4.40
N ARG A 296 1.84 -15.14 -4.64
CA ARG A 296 2.75 -16.24 -4.90
C ARG A 296 2.77 -17.26 -3.75
N LEU A 297 2.84 -16.78 -2.51
CA LEU A 297 3.13 -17.66 -1.37
C LEU A 297 2.11 -17.61 -0.25
N ARG A 298 1.69 -16.42 0.15
CA ARG A 298 0.83 -16.28 1.32
C ARG A 298 -0.20 -15.14 1.16
N GLY A 299 -1.33 -15.30 1.85
CA GLY A 299 -2.44 -14.35 1.79
C GLY A 299 -2.35 -13.39 2.94
N PHE A 300 -2.88 -13.80 4.10
CA PHE A 300 -2.87 -13.00 5.33
C PHE A 300 -1.86 -13.61 6.30
N TYR A 301 -0.84 -12.81 6.67
CA TYR A 301 0.39 -13.32 7.28
C TYR A 301 0.90 -12.42 8.41
N ALA A 302 1.14 -13.02 9.58
CA ALA A 302 1.60 -12.28 10.74
C ALA A 302 3.07 -11.90 10.61
N ASN A 303 3.83 -12.69 9.85
CA ASN A 303 5.13 -12.28 9.37
C ASN A 303 6.13 -12.14 10.53
N HIS A 304 6.13 -13.12 11.43
CA HIS A 304 7.06 -13.14 12.58
C HIS A 304 6.86 -11.96 13.55
N HIS A 305 5.60 -11.60 13.80
CA HIS A 305 5.27 -10.46 14.66
C HIS A 305 5.52 -10.82 16.12
N LEU A 306 5.84 -9.80 16.93
CA LEU A 306 6.15 -9.98 18.35
C LEU A 306 4.93 -9.89 19.26
N GLY A 307 3.72 -9.96 18.69
CA GLY A 307 2.49 -9.89 19.46
C GLY A 307 1.24 -10.00 18.60
N GLY A 308 0.15 -9.42 19.11
CA GLY A 308 -1.19 -9.59 18.54
C GLY A 308 -1.52 -8.81 17.28
N ILE A 309 -2.42 -9.37 16.48
CA ILE A 309 -2.91 -8.82 15.21
C ILE A 309 -4.38 -9.23 15.06
N ILE A 310 -5.18 -8.36 14.45
CA ILE A 310 -6.58 -8.67 14.12
C ILE A 310 -6.67 -9.04 12.64
N PHE A 311 -7.20 -10.22 12.36
CA PHE A 311 -7.63 -10.62 11.02
C PHE A 311 -9.11 -10.96 11.11
N GLU A 312 -9.96 -9.98 10.84
CA GLU A 312 -11.40 -10.15 10.98
C GLU A 312 -12.09 -9.97 9.63
N SER A 313 -12.94 -10.94 9.26
CA SER A 313 -13.85 -10.78 8.11
C SER A 313 -13.13 -10.59 6.78
N ASN A 314 -12.03 -11.32 6.59
CA ASN A 314 -11.31 -11.33 5.34
C ASN A 314 -11.69 -12.56 4.55
N THR A 315 -11.64 -12.44 3.22
CA THR A 315 -11.74 -13.59 2.34
C THR A 315 -10.35 -13.88 1.72
N ALA A 316 -10.00 -15.16 1.63
CA ALA A 316 -8.72 -15.61 1.08
C ALA A 316 -8.96 -16.73 0.07
N VAL A 317 -8.48 -16.57 -1.16
CA VAL A 317 -8.67 -17.56 -2.24
C VAL A 317 -7.35 -17.89 -2.96
N ASN A 318 -6.86 -19.12 -2.80
CA ASN A 318 -5.74 -19.66 -3.61
C ASN A 318 -4.43 -18.87 -3.49
N SER A 319 -4.15 -18.38 -2.28
CA SER A 319 -3.06 -17.45 -2.09
C SER A 319 -1.82 -18.07 -1.46
N GLY A 320 -1.63 -19.40 -1.64
CA GLY A 320 -0.61 -20.15 -0.92
C GLY A 320 -1.09 -20.45 0.49
N GLU A 321 -0.31 -20.06 1.50
CA GLU A 321 -0.79 -20.18 2.89
C GLU A 321 -1.76 -19.04 3.11
N ASN A 322 -3.07 -19.31 3.13
CA ASN A 322 -4.11 -18.27 3.16
C ASN A 322 -4.09 -17.46 4.44
N TYR A 323 -3.96 -18.16 5.56
CA TYR A 323 -3.74 -17.54 6.86
C TYR A 323 -2.54 -18.22 7.48
N ASN A 324 -1.55 -17.41 7.85
CA ASN A 324 -0.36 -17.92 8.53
C ASN A 324 -0.08 -16.94 9.67
N MET A 325 -0.05 -17.45 10.90
CA MET A 325 0.03 -16.56 12.07
C MET A 325 1.37 -16.60 12.77
N THR A 326 2.39 -17.09 12.07
CA THR A 326 3.74 -17.24 12.64
C THR A 326 4.26 -15.96 13.29
N ASN A 327 4.57 -16.07 14.59
CA ASN A 327 5.12 -15.00 15.38
C ASN A 327 6.56 -15.35 15.78
N ARG A 328 7.33 -14.32 16.06
CA ARG A 328 8.64 -14.48 16.66
C ARG A 328 8.43 -14.59 18.18
N GLU A 329 9.29 -15.35 18.86
CA GLU A 329 9.17 -15.55 20.29
C GLU A 329 9.57 -14.31 21.08
N SER A 330 8.89 -14.10 22.21
CA SER A 330 9.13 -12.94 23.07
C SER A 330 9.76 -13.38 24.41
N PRO A 331 10.69 -12.61 24.96
CA PRO A 331 11.25 -11.41 24.33
C PRO A 331 12.17 -11.73 23.17
N LEU A 332 12.63 -10.70 22.47
CA LEU A 332 13.63 -10.86 21.41
C LEU A 332 14.83 -11.68 21.88
N ALA A 333 15.24 -12.63 21.05
CA ALA A 333 16.31 -13.56 21.36
C ALA A 333 17.01 -14.03 20.08
N LEU A 334 18.33 -14.23 20.17
CA LEU A 334 19.10 -14.89 19.13
C LEU A 334 19.45 -16.30 19.63
N PRO A 335 19.32 -17.34 18.82
CA PRO A 335 18.84 -17.27 17.43
C PRO A 335 17.34 -16.96 17.30
N PRO A 336 16.92 -16.46 16.13
CA PRO A 336 15.50 -16.14 15.93
C PRO A 336 14.69 -17.41 15.74
N THR A 337 13.79 -17.67 16.68
CA THR A 337 12.96 -18.85 16.67
C THR A 337 11.49 -18.45 16.45
N ASP A 338 10.83 -19.14 15.53
CA ASP A 338 9.39 -18.95 15.26
C ASP A 338 8.56 -19.76 16.26
N VAL A 339 7.41 -19.20 16.68
CA VAL A 339 6.40 -19.93 17.50
C VAL A 339 4.96 -19.67 17.00
N ASN A 340 4.04 -20.58 17.35
CA ASN A 340 2.62 -20.42 17.06
C ASN A 340 2.10 -19.05 17.49
N GLY A 341 1.39 -18.37 16.60
CA GLY A 341 0.90 -17.01 16.82
C GLY A 341 0.15 -16.78 18.10
N TYR A 342 0.43 -15.67 18.77
CA TYR A 342 -0.14 -15.39 20.09
C TYR A 342 -0.72 -13.99 20.17
N ASP A 343 -1.70 -13.84 21.06
CA ASP A 343 -2.48 -12.59 21.23
C ASP A 343 -3.27 -12.15 19.98
N HIS A 344 -3.54 -13.05 19.04
CA HIS A 344 -4.30 -12.70 17.83
C HIS A 344 -5.82 -12.74 18.03
N MET A 345 -6.52 -11.92 17.24
CA MET A 345 -7.96 -11.99 17.02
C MET A 345 -8.13 -12.45 15.57
N VAL A 346 -8.42 -13.73 15.37
CA VAL A 346 -8.70 -14.27 14.03
C VAL A 346 -10.17 -14.71 14.00
N LYS A 347 -10.99 -13.99 13.25
CA LYS A 347 -12.43 -14.18 13.33
C LYS A 347 -13.14 -13.91 12.01
N ASN A 348 -14.13 -14.75 11.70
CA ASN A 348 -15.13 -14.43 10.64
C ASN A 348 -14.54 -14.42 9.24
N ASN A 349 -13.47 -15.19 9.05
CA ASN A 349 -12.75 -15.21 7.79
C ASN A 349 -13.21 -16.42 6.94
N LEU A 350 -13.02 -16.27 5.62
CA LEU A 350 -13.36 -17.28 4.62
C LEU A 350 -12.09 -17.71 3.88
N SER A 351 -11.95 -19.02 3.60
CA SER A 351 -10.77 -19.57 2.87
C SER A 351 -11.15 -20.62 1.82
N LEU A 352 -11.01 -20.29 0.53
CA LEU A 352 -11.08 -21.29 -0.56
C LEU A 352 -9.65 -21.75 -0.96
N VAL A 353 -9.38 -23.05 -0.83
CA VAL A 353 -8.17 -23.69 -1.35
C VAL A 353 -8.54 -24.73 -2.41
N THR A 354 -8.22 -24.40 -3.67
CA THR A 354 -8.26 -25.36 -4.78
C THR A 354 -6.92 -25.45 -5.56
N ARG A 355 -5.91 -24.68 -5.15
CA ARG A 355 -4.69 -24.49 -5.93
C ARG A 355 -3.62 -25.38 -5.33
N SER A 356 -2.78 -25.96 -6.19
CA SER A 356 -1.71 -26.82 -5.74
C SER A 356 -0.86 -26.14 -4.65
N GLY A 357 -0.76 -26.80 -3.49
CA GLY A 357 0.11 -26.37 -2.40
C GLY A 357 -0.49 -25.42 -1.37
N SER A 358 -1.68 -24.85 -1.65
CA SER A 358 -2.28 -23.86 -0.76
C SER A 358 -2.82 -24.50 0.53
N LYS A 359 -3.20 -23.67 1.49
CA LYS A 359 -3.62 -24.11 2.83
C LYS A 359 -4.49 -23.08 3.49
N HIS A 360 -5.42 -23.54 4.33
CA HIS A 360 -6.31 -22.66 5.04
C HIS A 360 -5.59 -21.86 6.13
N ILE A 361 -5.25 -22.51 7.25
CA ILE A 361 -4.50 -21.82 8.32
C ILE A 361 -3.23 -22.54 8.77
N VAL A 362 -2.25 -21.76 9.21
CA VAL A 362 -1.04 -22.30 9.85
C VAL A 362 -0.51 -21.43 11.00
N MET A 363 0.00 -22.09 12.02
CA MET A 363 0.88 -21.50 13.03
C MET A 363 0.22 -20.48 13.94
N VAL A 364 -0.95 -20.84 14.46
CA VAL A 364 -1.63 -20.05 15.50
C VAL A 364 -1.77 -20.89 16.78
N ASN A 365 -1.63 -20.21 17.92
CA ASN A 365 -1.85 -20.80 19.25
C ASN A 365 -3.27 -20.43 19.68
N ARG A 366 -4.15 -21.43 19.69
CA ARG A 366 -5.55 -21.22 20.04
C ARG A 366 -5.78 -20.99 21.54
N ALA A 367 -4.86 -21.46 22.38
CA ALA A 367 -4.87 -21.15 23.81
C ALA A 367 -4.53 -19.67 24.09
N LYS A 368 -3.64 -19.09 23.28
CA LYS A 368 -3.17 -17.69 23.46
C LYS A 368 -3.75 -16.67 22.49
N SER A 369 -4.48 -17.12 21.46
CA SER A 369 -5.20 -16.22 20.54
C SER A 369 -6.71 -16.55 20.54
N GLU A 370 -7.54 -15.52 20.30
CA GLU A 370 -8.98 -15.69 20.06
C GLU A 370 -9.17 -16.10 18.61
N VAL A 371 -9.54 -17.35 18.38
CA VAL A 371 -9.77 -17.85 17.02
C VAL A 371 -11.16 -18.45 16.93
N SER A 372 -12.10 -17.65 16.41
CA SER A 372 -13.49 -18.09 16.36
C SER A 372 -14.19 -17.76 15.04
N ASN A 373 -15.04 -18.72 14.62
CA ASN A 373 -16.01 -18.54 13.54
C ASN A 373 -15.33 -18.30 12.18
N ASN A 374 -14.34 -19.13 11.86
CA ASN A 374 -13.67 -19.10 10.56
C ASN A 374 -14.03 -20.36 9.76
N SER A 375 -14.32 -20.16 8.46
CA SER A 375 -14.81 -21.21 7.57
C SER A 375 -13.97 -22.48 7.57
N PHE A 376 -12.65 -22.31 7.67
CA PHE A 376 -11.72 -23.43 7.73
C PHE A 376 -11.84 -24.29 8.99
N ASP A 377 -12.44 -23.75 10.05
CA ASP A 377 -12.72 -24.54 11.26
C ASP A 377 -14.10 -25.17 11.27
N GLY A 378 -14.97 -24.82 10.31
CA GLY A 378 -16.33 -25.39 10.26
C GLY A 378 -16.31 -26.85 9.85
N SER A 379 -17.43 -27.53 10.01
CA SER A 379 -17.46 -28.96 9.71
C SER A 379 -17.44 -29.29 8.22
N GLU A 380 -17.87 -28.35 7.37
CA GLU A 380 -17.94 -28.55 5.92
C GLU A 380 -16.90 -27.75 5.17
N GLU A 381 -16.13 -28.41 4.30
CA GLU A 381 -15.09 -27.73 3.50
C GLU A 381 -15.71 -26.78 2.47
N VAL A 382 -15.11 -25.60 2.33
CA VAL A 382 -15.49 -24.60 1.31
C VAL A 382 -15.07 -25.07 -0.08
N ILE A 383 -15.94 -24.82 -1.07
CA ILE A 383 -15.74 -25.30 -2.45
C ILE A 383 -16.08 -24.21 -3.49
N GLU A 384 -15.68 -24.45 -4.73
CA GLU A 384 -15.84 -23.51 -5.85
C GLU A 384 -17.30 -23.14 -6.11
N THR A 385 -18.20 -24.12 -6.04
CA THR A 385 -19.65 -23.89 -6.27
C THR A 385 -20.28 -22.89 -5.30
N ASP A 386 -19.74 -22.79 -4.08
CA ASP A 386 -20.16 -21.77 -3.10
C ASP A 386 -20.02 -20.30 -3.55
N PHE A 387 -19.28 -20.04 -4.63
CA PHE A 387 -19.04 -18.68 -5.09
C PHE A 387 -19.83 -18.33 -6.36
N ILE A 388 -20.39 -17.12 -6.39
CA ILE A 388 -21.11 -16.59 -7.54
C ILE A 388 -20.15 -16.42 -8.72
N SER A 389 -19.00 -15.80 -8.46
CA SER A 389 -17.92 -15.76 -9.43
C SER A 389 -16.56 -16.03 -8.80
N LEU A 390 -15.68 -16.53 -9.65
CA LEU A 390 -14.27 -16.60 -9.36
C LEU A 390 -13.47 -16.07 -10.57
N GLU A 391 -14.08 -15.22 -11.40
CA GLU A 391 -13.41 -14.71 -12.60
C GLU A 391 -12.55 -13.50 -12.21
N GLU A 392 -11.22 -13.74 -12.17
CA GLU A 392 -10.22 -12.83 -11.58
C GLU A 392 -10.10 -11.46 -12.23
N ALA A 393 -10.50 -11.37 -13.49
CA ALA A 393 -10.48 -10.11 -14.22
C ALA A 393 -11.41 -9.05 -13.60
N GLU A 394 -12.48 -9.51 -12.92
CA GLU A 394 -13.39 -8.61 -12.20
C GLU A 394 -12.70 -7.82 -11.07
N LEU A 395 -11.60 -8.32 -10.51
CA LEU A 395 -10.80 -7.57 -9.52
C LEU A 395 -10.02 -6.40 -10.08
N MET A 396 -9.77 -6.41 -11.40
CA MET A 396 -9.06 -5.34 -12.08
C MET A 396 -10.05 -4.40 -12.80
N ARG A 397 -11.34 -4.54 -12.53
CA ARG A 397 -12.36 -3.61 -13.04
C ARG A 397 -12.06 -2.18 -12.63
N ASP A 398 -12.34 -1.26 -13.54
CA ASP A 398 -12.12 0.17 -13.33
C ASP A 398 -13.04 0.63 -12.23
N ARG A 399 -12.52 1.48 -11.35
CA ARG A 399 -13.24 1.94 -10.18
C ARG A 399 -14.49 2.71 -10.56
N LYS A 400 -15.44 2.81 -9.63
CA LYS A 400 -16.56 3.75 -9.79
C LYS A 400 -16.03 5.18 -10.03
N PRO A 401 -16.83 6.04 -10.69
CA PRO A 401 -16.44 7.44 -10.95
C PRO A 401 -15.94 8.24 -9.73
N ASN A 402 -16.46 7.90 -8.55
CA ASN A 402 -16.07 8.52 -7.28
C ASN A 402 -14.95 7.77 -6.57
N GLY A 403 -14.25 6.87 -7.29
CA GLY A 403 -13.09 6.16 -6.76
C GLY A 403 -13.35 4.91 -5.95
N ASP A 404 -14.59 4.66 -5.53
CA ASP A 404 -14.91 3.45 -4.73
C ASP A 404 -14.56 2.17 -5.56
N LEU A 405 -14.28 1.06 -4.86
CA LEU A 405 -14.02 -0.23 -5.53
C LEU A 405 -15.23 -0.63 -6.36
N PRO A 406 -15.02 -1.23 -7.55
CA PRO A 406 -16.16 -1.65 -8.37
C PRO A 406 -16.92 -2.80 -7.74
N ASP A 407 -18.18 -2.97 -8.16
CA ASP A 407 -18.97 -4.13 -7.77
C ASP A 407 -18.40 -5.36 -8.46
N VAL A 408 -18.12 -6.38 -7.67
CA VAL A 408 -17.55 -7.63 -8.16
C VAL A 408 -18.34 -8.79 -7.55
N ASN A 409 -18.59 -9.82 -8.36
CA ASN A 409 -19.12 -11.09 -7.86
C ASN A 409 -18.03 -12.02 -7.34
N PHE A 410 -16.77 -11.73 -7.70
CA PHE A 410 -15.62 -12.51 -7.26
C PHE A 410 -15.59 -12.71 -5.75
N GLY A 411 -15.39 -13.96 -5.32
CA GLY A 411 -15.21 -14.29 -3.91
C GLY A 411 -16.37 -13.92 -2.99
N LYS A 412 -17.56 -13.69 -3.58
CA LYS A 412 -18.79 -13.39 -2.84
C LYS A 412 -19.63 -14.67 -2.84
N LEU A 413 -20.10 -15.05 -1.65
CA LEU A 413 -20.86 -16.29 -1.49
C LEU A 413 -22.24 -16.19 -2.12
N THR A 414 -22.78 -17.33 -2.56
CA THR A 414 -24.20 -17.43 -2.95
C THR A 414 -25.02 -17.41 -1.69
N THR A 415 -26.30 -17.06 -1.83
CA THR A 415 -27.19 -16.95 -0.68
C THR A 415 -27.35 -18.30 0.04
N ASP A 416 -27.34 -19.40 -0.70
CA ASP A 416 -27.31 -20.75 -0.09
C ASP A 416 -26.06 -20.87 0.77
N ALA A 417 -24.90 -20.64 0.16
CA ALA A 417 -23.60 -20.74 0.83
C ALA A 417 -23.46 -19.80 2.03
N GLU A 418 -23.97 -18.57 1.91
CA GLU A 418 -24.02 -17.62 3.04
C GLU A 418 -24.65 -18.19 4.33
N LEU A 419 -25.68 -19.03 4.23
CA LEU A 419 -26.25 -19.72 5.41
C LEU A 419 -25.28 -20.73 6.07
N ARG A 420 -24.59 -21.53 5.27
CA ARG A 420 -23.64 -22.50 5.81
C ARG A 420 -22.30 -21.89 6.22
N PHE A 421 -22.05 -20.64 5.82
CA PHE A 421 -20.86 -19.89 6.24
C PHE A 421 -21.29 -18.45 6.65
N TRP A 422 -21.96 -18.34 7.80
CA TRP A 422 -22.75 -17.14 8.14
C TRP A 422 -21.98 -16.07 8.90
N GLY A 423 -21.90 -14.87 8.31
CA GLY A 423 -21.13 -13.76 8.85
C GLY A 423 -19.64 -14.06 8.68
N MET A 424 -19.30 -14.65 7.53
CA MET A 424 -17.92 -15.04 7.22
C MET A 424 -17.52 -14.41 5.90
N GLY A 425 -16.33 -13.81 5.87
CA GLY A 425 -15.76 -13.29 4.64
C GLY A 425 -15.96 -11.80 4.55
N CYS A 426 -15.31 -11.20 3.55
CA CYS A 426 -15.38 -9.74 3.37
C CYS A 426 -16.62 -9.25 2.63
N PHE A 427 -17.48 -10.17 2.19
CA PHE A 427 -18.79 -9.87 1.62
C PHE A 427 -19.86 -10.80 2.21
#